data_8BAB
#
_entry.id   8BAB
#
_cell.length_a   53.248
_cell.length_b   56.802
_cell.length_c   114.756
_cell.angle_alpha   90.000
_cell.angle_beta   90.000
_cell.angle_gamma   90.000
#
_symmetry.space_group_name_H-M   'P 21 21 21'
#
loop_
_entity.id
_entity.type
_entity.pdbx_description
1 polymer 'Tyrosine-protein kinase JAK2'
2 non-polymer GLYCEROL
3 non-polymer 6-[(1-methylimidazol-2-yl)sulfanylmethyl]-~{N}4-(3-methylphenyl)-1,3,5-triazine-2,4-diamine
4 water water
#
_entity_poly.entity_id   1
_entity_poly.type   'polypeptide(L)'
_entity_poly.pdbx_seq_one_letter_code
;VFHKIRNEDLIFNESLGQGTFTKIFKGVRREVGDYGQLHETEVLLKVLDKAHRNYSESFFEAASMMSKLSHKHLVLNYGV
CFCGDENILVQEFVKFGSLDTYLKKNKNCINILWKLEVAKQLAWAMHFLEENTLIHGNVCAKNILLIREEDRKTGNPPFI
KLSDPGISITVLPKDILQERIPWVPPECIENPKNLNLATDKWSFGTTLWEICSGGDKPLSALDSQRKLQFYEDRHQLPAP
KAAELANLINNCMDYEPDHRPSFRAIIRDLNSLFTPDLVPRGSHHHHHH
;
_entity_poly.pdbx_strand_id   A
#
loop_
_chem_comp.id
_chem_comp.type
_chem_comp.name
_chem_comp.formula
GOL non-polymer GLYCEROL 'C3 H8 O3'
Q8N non-polymer 6-[(1-methylimidazol-2-yl)sulfanylmethyl]-~{N}4-(3-methylphenyl)-1,3,5-triazine-2,4-diamine 'C15 H17 N7 S'
#
# COMPACT_ATOMS: atom_id res chain seq x y z
N VAL A 1 -4.28 18.89 9.65
CA VAL A 1 -5.26 19.32 8.67
C VAL A 1 -4.54 19.59 7.35
N PHE A 2 -5.05 18.99 6.28
CA PHE A 2 -4.39 19.12 4.97
C PHE A 2 -4.43 20.55 4.45
N HIS A 3 -3.36 20.92 3.74
CA HIS A 3 -3.37 22.17 2.97
C HIS A 3 -4.50 22.13 1.95
N LYS A 4 -5.23 23.23 1.84
CA LYS A 4 -6.32 23.35 0.86
C LYS A 4 -5.75 23.82 -0.47
N ILE A 5 -6.07 23.07 -1.53
CA ILE A 5 -5.67 23.37 -2.88
C ILE A 5 -6.92 23.80 -3.64
N ARG A 6 -6.80 24.89 -4.38
CA ARG A 6 -7.95 25.44 -5.08
C ARG A 6 -8.19 24.66 -6.35
N ASN A 7 -9.47 24.41 -6.66
CA ASN A 7 -9.78 23.68 -7.88
C ASN A 7 -9.18 24.35 -9.09
N GLU A 8 -9.06 25.68 -9.08
CA GLU A 8 -8.56 26.39 -10.26
C GLU A 8 -7.06 26.23 -10.43
N ASP A 9 -6.36 25.67 -9.44
CA ASP A 9 -4.96 25.34 -9.59
C ASP A 9 -4.74 23.87 -9.95
N LEU A 10 -5.81 23.13 -10.24
CA LEU A 10 -5.72 21.71 -10.59
C LEU A 10 -6.15 21.53 -12.02
N ILE A 11 -5.32 20.87 -12.80
CA ILE A 11 -5.64 20.45 -14.15
C ILE A 11 -5.67 18.91 -14.16
N PHE A 12 -6.77 18.36 -14.63
CA PHE A 12 -6.92 16.91 -14.83
C PHE A 12 -6.56 16.55 -16.27
N ASN A 13 -5.58 15.66 -16.47
CA ASN A 13 -5.13 15.29 -17.79
C ASN A 13 -5.45 13.89 -18.27
N GLU A 14 -5.34 12.87 -17.42
CA GLU A 14 -5.49 11.52 -17.84
C GLU A 14 -6.25 10.71 -16.78
N SER A 15 -7.22 9.90 -17.21
CA SER A 15 -7.88 8.94 -16.34
C SER A 15 -7.03 7.70 -16.21
N LEU A 16 -6.81 7.28 -14.95
CA LEU A 16 -5.92 6.18 -14.68
C LEU A 16 -6.63 4.96 -14.09
N GLY A 17 -7.94 5.01 -13.99
CA GLY A 17 -8.69 3.89 -13.48
C GLY A 17 -9.29 4.18 -12.12
N GLN A 18 -9.55 3.13 -11.36
CA GLN A 18 -10.27 3.25 -10.11
C GLN A 18 -9.51 2.52 -9.00
N GLY A 19 -9.62 3.04 -7.79
CA GLY A 19 -9.35 2.31 -6.58
C GLY A 19 -10.66 1.89 -5.95
N THR A 20 -10.63 1.59 -4.64
CA THR A 20 -11.84 1.15 -3.96
C THR A 20 -12.68 2.38 -3.64
N PHE A 21 -13.74 2.58 -4.44
CA PHE A 21 -14.64 3.72 -4.34
C PHE A 21 -13.91 5.06 -4.58
N THR A 22 -12.87 5.00 -5.42
CA THR A 22 -12.15 6.19 -5.82
C THR A 22 -11.95 6.18 -7.34
N LYS A 23 -11.78 7.37 -7.89
CA LYS A 23 -11.43 7.54 -9.28
C LYS A 23 -10.07 8.25 -9.32
N ILE A 24 -9.19 7.78 -10.19
CA ILE A 24 -7.79 8.20 -10.18
C ILE A 24 -7.46 8.91 -11.47
N PHE A 25 -6.69 9.99 -11.34
CA PHE A 25 -6.23 10.78 -12.48
C PHE A 25 -4.79 11.21 -12.31
N LYS A 26 -4.14 11.45 -13.45
CA LYS A 26 -2.91 12.20 -13.51
C LYS A 26 -3.28 13.66 -13.84
N GLY A 27 -2.59 14.59 -13.19
CA GLY A 27 -2.84 15.99 -13.45
C GLY A 27 -1.67 16.85 -13.08
N VAL A 28 -1.93 18.14 -13.04
CA VAL A 28 -0.90 19.13 -12.77
C VAL A 28 -1.46 20.06 -11.73
N ARG A 29 -0.64 20.42 -10.76
CA ARG A 29 -0.96 21.45 -9.78
C ARG A 29 -0.08 22.67 -10.06
N ARG A 30 -0.70 23.85 -10.17
CA ARG A 30 0.03 25.11 -10.24
C ARG A 30 0.26 25.62 -8.83
N GLU A 31 1.51 25.90 -8.47
CA GLU A 31 1.82 26.25 -7.10
C GLU A 31 3.03 27.20 -7.02
N VAL A 32 3.19 27.82 -5.85
CA VAL A 32 4.37 28.60 -5.51
C VAL A 32 5.29 27.73 -4.66
N GLY A 33 6.52 27.51 -5.11
CA GLY A 33 7.48 26.68 -4.41
C GLY A 33 8.60 27.47 -3.75
N ASP A 34 9.68 26.76 -3.43
CA ASP A 34 10.82 27.35 -2.76
C ASP A 34 11.31 28.56 -3.54
N TYR A 35 11.75 29.59 -2.81
CA TYR A 35 12.26 30.82 -3.40
C TYR A 35 11.20 31.56 -4.18
N GLY A 36 9.95 31.21 -3.96
CA GLY A 36 8.82 31.79 -4.66
C GLY A 36 8.67 31.39 -6.12
N GLN A 37 9.36 30.33 -6.55
CA GLN A 37 9.31 29.91 -7.95
C GLN A 37 7.95 29.30 -8.27
N LEU A 38 7.37 29.69 -9.42
CA LEU A 38 6.08 29.21 -9.87
C LEU A 38 6.24 27.89 -10.61
N HIS A 39 5.62 26.82 -10.08
CA HIS A 39 5.81 25.47 -10.60
C HIS A 39 4.48 24.93 -11.14
N GLU A 40 4.58 24.03 -12.14
CA GLU A 40 3.46 23.18 -12.57
C GLU A 40 3.89 21.75 -12.23
N THR A 41 3.36 21.23 -11.13
CA THR A 41 3.83 19.97 -10.56
C THR A 41 2.90 18.85 -10.99
N GLU A 42 3.48 17.73 -11.48
CA GLU A 42 2.71 16.52 -11.79
C GLU A 42 2.13 15.99 -10.50
N VAL A 43 0.84 15.65 -10.49
CA VAL A 43 0.20 15.12 -9.31
C VAL A 43 -0.63 13.89 -9.67
N LEU A 44 -0.87 13.08 -8.66
CA LEU A 44 -1.79 11.97 -8.71
C LEU A 44 -2.99 12.40 -7.92
N LEU A 45 -4.18 12.37 -8.55
CA LEU A 45 -5.41 12.89 -7.96
C LEU A 45 -6.33 11.71 -7.66
N LYS A 46 -6.79 11.62 -6.42
CA LYS A 46 -7.72 10.56 -6.01
C LYS A 46 -9.07 11.23 -5.62
N VAL A 47 -10.13 10.89 -6.37
CA VAL A 47 -11.42 11.57 -6.26
C VAL A 47 -12.41 10.68 -5.52
N LEU A 48 -13.03 11.23 -4.47
CA LEU A 48 -14.12 10.60 -3.72
C LEU A 48 -15.42 11.42 -3.88
N ASP A 49 -16.50 10.71 -4.02
CA ASP A 49 -17.83 11.33 -4.15
C ASP A 49 -18.31 11.68 -2.74
N LYS A 50 -18.60 12.97 -2.51
CA LYS A 50 -18.99 13.45 -1.18
C LYS A 50 -20.30 12.82 -0.71
N ALA A 51 -21.10 12.33 -1.63
CA ALA A 51 -22.32 11.61 -1.24
C ALA A 51 -22.01 10.32 -0.51
N HIS A 52 -20.85 9.70 -0.75
CA HIS A 52 -20.43 8.55 0.04
C HIS A 52 -19.67 9.09 1.24
N ARG A 53 -20.43 9.66 2.16
CA ARG A 53 -19.84 10.48 3.20
C ARG A 53 -18.97 9.63 4.13
N ASN A 54 -19.46 8.47 4.55
CA ASN A 54 -18.72 7.65 5.49
C ASN A 54 -17.40 7.18 4.87
N TYR A 55 -17.42 6.84 3.61
CA TYR A 55 -16.21 6.42 2.87
C TYR A 55 -15.24 7.57 2.75
N SER A 56 -15.72 8.74 2.33
CA SER A 56 -14.84 9.89 2.21
C SER A 56 -14.21 10.28 3.54
N GLU A 57 -14.99 10.29 4.63
CA GLU A 57 -14.40 10.68 5.89
C GLU A 57 -13.32 9.69 6.32
N SER A 58 -13.59 8.41 6.12
CA SER A 58 -12.60 7.39 6.46
C SER A 58 -11.34 7.54 5.63
N PHE A 59 -11.50 7.69 4.33
CA PHE A 59 -10.35 7.87 3.42
C PHE A 59 -9.46 9.04 3.83
N PHE A 60 -10.05 10.20 4.06
CA PHE A 60 -9.25 11.35 4.31
C PHE A 60 -8.70 11.39 5.70
N GLU A 61 -9.44 10.87 6.66
CA GLU A 61 -8.86 10.76 7.99
C GLU A 61 -7.61 9.86 7.99
N ALA A 62 -7.67 8.79 7.21
CA ALA A 62 -6.52 7.88 7.17
C ALA A 62 -5.35 8.58 6.47
N ALA A 63 -5.61 9.25 5.34
CA ALA A 63 -4.53 9.93 4.66
C ALA A 63 -3.94 11.01 5.54
N SER A 64 -4.80 11.75 6.25
CA SER A 64 -4.32 12.84 7.10
C SER A 64 -3.46 12.33 8.23
N MET A 65 -3.90 11.29 8.90
CA MET A 65 -3.15 10.77 10.06
C MET A 65 -1.79 10.26 9.63
N MET A 66 -1.72 9.61 8.47
CA MET A 66 -0.40 9.13 8.04
C MET A 66 0.48 10.26 7.54
N SER A 67 -0.08 11.27 6.88
CA SER A 67 0.73 12.40 6.45
C SER A 67 1.22 13.30 7.61
N LYS A 68 0.67 13.16 8.82
CA LYS A 68 1.27 13.80 9.99
C LYS A 68 2.59 13.18 10.39
N LEU A 69 2.90 12.03 9.88
CA LEU A 69 4.17 11.34 10.12
C LEU A 69 5.05 11.35 8.89
N SER A 70 5.78 12.42 8.71
CA SER A 70 6.67 12.52 7.57
C SER A 70 7.79 11.47 7.64
N HIS A 71 8.07 10.83 6.50
CA HIS A 71 9.04 9.71 6.52
C HIS A 71 9.47 9.46 5.09
N LYS A 72 10.73 9.07 4.88
CA LYS A 72 11.24 8.87 3.51
C LYS A 72 10.48 7.77 2.74
N HIS A 73 9.87 6.78 3.46
CA HIS A 73 9.19 5.71 2.76
C HIS A 73 7.66 5.83 2.84
N LEU A 74 7.13 7.02 3.19
CA LEU A 74 5.68 7.23 3.18
C LEU A 74 5.34 8.29 2.16
N VAL A 75 4.33 8.00 1.35
CA VAL A 75 3.96 8.90 0.24
C VAL A 75 3.66 10.33 0.73
N LEU A 76 4.04 11.29 -0.10
CA LEU A 76 3.75 12.69 0.13
C LEU A 76 2.38 13.05 -0.42
N ASN A 77 1.53 13.53 0.47
CA ASN A 77 0.26 14.13 0.06
C ASN A 77 0.43 15.65 0.16
N TYR A 78 0.16 16.36 -0.93
CA TYR A 78 0.33 17.80 -0.94
C TYR A 78 -0.82 18.49 -0.25
N GLY A 79 -2.00 17.91 -0.28
CA GLY A 79 -3.17 18.51 0.32
C GLY A 79 -4.43 17.96 -0.32
N VAL A 80 -5.53 18.72 -0.16
CA VAL A 80 -6.80 18.23 -0.62
C VAL A 80 -7.56 19.37 -1.30
N CYS A 81 -8.43 19.01 -2.24
CA CYS A 81 -9.36 19.98 -2.81
C CYS A 81 -10.74 19.58 -2.36
N PHE A 82 -11.39 20.43 -1.56
CA PHE A 82 -12.83 20.27 -1.29
C PHE A 82 -13.52 20.85 -2.52
N CYS A 83 -13.69 19.99 -3.52
CA CYS A 83 -13.89 20.39 -4.91
C CYS A 83 -15.37 20.19 -5.30
N GLY A 84 -16.22 20.98 -4.67
CA GLY A 84 -17.65 20.90 -4.95
C GLY A 84 -18.34 19.69 -4.35
N ASP A 85 -18.82 18.79 -5.21
CA ASP A 85 -19.45 17.57 -4.75
CA ASP A 85 -19.46 17.55 -4.84
C ASP A 85 -18.46 16.43 -4.60
N GLU A 86 -17.16 16.71 -4.75
CA GLU A 86 -16.12 15.70 -4.61
C GLU A 86 -15.03 16.22 -3.68
N ASN A 87 -14.39 15.30 -2.97
CA ASN A 87 -13.20 15.63 -2.20
C ASN A 87 -12.02 14.89 -2.85
N ILE A 88 -10.95 15.61 -3.08
CA ILE A 88 -9.85 15.16 -3.97
C ILE A 88 -8.56 15.21 -3.16
N LEU A 89 -7.89 14.03 -3.05
CA LEU A 89 -6.53 13.96 -2.51
C LEU A 89 -5.55 14.30 -3.61
N VAL A 90 -4.63 15.22 -3.32
CA VAL A 90 -3.60 15.65 -4.26
C VAL A 90 -2.29 15.08 -3.76
N GLN A 91 -1.81 14.07 -4.46
CA GLN A 91 -0.63 13.30 -4.03
C GLN A 91 0.52 13.50 -5.01
N GLU A 92 1.77 13.21 -4.52
CA GLU A 92 2.88 13.18 -5.44
C GLU A 92 2.66 12.13 -6.51
N PHE A 93 3.12 12.44 -7.72
CA PHE A 93 3.09 11.48 -8.81
C PHE A 93 4.40 10.68 -8.76
N VAL A 94 4.31 9.37 -8.50
CA VAL A 94 5.50 8.53 -8.31
C VAL A 94 5.84 7.94 -9.66
N LYS A 95 7.06 8.20 -10.13
CA LYS A 95 7.42 8.03 -11.53
C LYS A 95 7.13 6.63 -12.09
N PHE A 96 7.49 5.55 -11.34
CA PHE A 96 7.29 4.20 -11.87
C PHE A 96 6.03 3.51 -11.37
N GLY A 97 5.24 4.17 -10.57
CA GLY A 97 3.89 3.71 -10.15
C GLY A 97 3.92 2.48 -9.25
N SER A 98 2.78 1.77 -9.26
CA SER A 98 2.56 0.63 -8.38
C SER A 98 3.54 -0.50 -8.67
N LEU A 99 3.99 -1.16 -7.59
CA LEU A 99 5.00 -2.22 -7.75
C LEU A 99 4.44 -3.48 -8.42
N ASP A 100 3.20 -3.85 -8.22
CA ASP A 100 2.71 -5.07 -8.88
C ASP A 100 2.73 -4.90 -10.40
N THR A 101 2.26 -3.75 -10.90
CA THR A 101 2.32 -3.50 -12.36
C THR A 101 3.74 -3.45 -12.86
N TYR A 102 4.63 -2.79 -12.09
CA TYR A 102 6.03 -2.75 -12.49
C TYR A 102 6.62 -4.13 -12.65
N LEU A 103 6.37 -4.99 -11.68
CA LEU A 103 6.97 -6.32 -11.77
C LEU A 103 6.44 -7.11 -12.96
N LYS A 104 5.15 -6.96 -13.27
CA LYS A 104 4.60 -7.59 -14.49
C LYS A 104 5.22 -7.01 -15.75
N LYS A 105 5.36 -5.72 -15.82
CA LYS A 105 5.89 -5.12 -17.02
C LYS A 105 7.36 -5.45 -17.24
N ASN A 106 8.07 -5.80 -16.20
CA ASN A 106 9.44 -6.22 -16.30
C ASN A 106 9.56 -7.73 -16.32
N LYS A 107 8.44 -8.44 -16.42
CA LYS A 107 8.39 -9.87 -16.67
C LYS A 107 9.13 -10.62 -15.58
N ASN A 108 9.07 -10.08 -14.36
CA ASN A 108 9.75 -10.70 -13.22
C ASN A 108 11.23 -10.95 -13.49
N CYS A 109 11.84 -10.14 -14.30
CA CYS A 109 13.29 -10.21 -14.58
C CYS A 109 14.03 -9.35 -13.57
N ILE A 110 13.84 -9.75 -12.32
CA ILE A 110 14.24 -9.01 -11.14
C ILE A 110 14.93 -10.02 -10.23
N ASN A 111 16.11 -9.68 -9.71
CA ASN A 111 16.82 -10.66 -8.91
C ASN A 111 16.40 -10.62 -7.46
N ILE A 112 16.79 -11.66 -6.73
CA ILE A 112 16.32 -11.77 -5.35
C ILE A 112 16.83 -10.62 -4.49
N LEU A 113 18.02 -10.10 -4.77
CA LEU A 113 18.55 -9.01 -3.97
C LEU A 113 17.73 -7.73 -4.13
N TRP A 114 17.21 -7.49 -5.33
CA TRP A 114 16.27 -6.38 -5.55
C TRP A 114 15.04 -6.52 -4.68
N LYS A 115 14.44 -7.70 -4.69
CA LYS A 115 13.25 -7.98 -3.89
C LYS A 115 13.52 -7.82 -2.42
N LEU A 116 14.70 -8.31 -1.95
CA LEU A 116 15.10 -8.15 -0.55
C LEU A 116 15.22 -6.70 -0.16
N GLU A 117 15.78 -5.86 -1.04
CA GLU A 117 15.90 -4.44 -0.72
C GLU A 117 14.54 -3.78 -0.59
N VAL A 118 13.62 -4.09 -1.49
CA VAL A 118 12.27 -3.50 -1.41
C VAL A 118 11.56 -3.98 -0.14
N ALA A 119 11.73 -5.27 0.17
CA ALA A 119 11.10 -5.83 1.37
C ALA A 119 11.62 -5.16 2.63
N LYS A 120 12.93 -4.93 2.72
CA LYS A 120 13.52 -4.23 3.85
C LYS A 120 13.00 -2.80 3.98
N GLN A 121 12.88 -2.09 2.85
CA GLN A 121 12.39 -0.73 2.89
C GLN A 121 10.96 -0.69 3.39
N LEU A 122 10.08 -1.58 2.85
CA LEU A 122 8.72 -1.65 3.40
C LEU A 122 8.72 -1.98 4.87
N ALA A 123 9.59 -2.93 5.31
CA ALA A 123 9.63 -3.32 6.73
C ALA A 123 10.04 -2.14 7.62
N TRP A 124 10.98 -1.31 7.14
CA TRP A 124 11.37 -0.11 7.87
C TRP A 124 10.23 0.90 7.94
N ALA A 125 9.46 1.05 6.85
CA ALA A 125 8.28 1.90 6.91
C ALA A 125 7.30 1.37 7.94
N MET A 126 7.08 0.04 7.92
CA MET A 126 6.11 -0.55 8.84
C MET A 126 6.57 -0.49 10.28
N HIS A 127 7.88 -0.60 10.51
CA HIS A 127 8.41 -0.45 11.86
C HIS A 127 8.16 0.96 12.37
N PHE A 128 8.41 1.98 11.53
CA PHE A 128 8.02 3.35 11.88
C PHE A 128 6.55 3.45 12.26
N LEU A 129 5.67 2.89 11.45
CA LEU A 129 4.24 2.97 11.78
C LEU A 129 3.94 2.22 13.09
N GLU A 130 4.57 1.10 13.29
CA GLU A 130 4.37 0.32 14.54
C GLU A 130 4.80 1.11 15.77
N GLU A 131 5.96 1.73 15.70
CA GLU A 131 6.42 2.56 16.81
CA GLU A 131 6.45 2.58 16.78
C GLU A 131 5.51 3.74 17.06
N ASN A 132 4.81 4.22 16.05
CA ASN A 132 3.82 5.28 16.16
C ASN A 132 2.40 4.77 16.44
N THR A 133 2.23 3.46 16.63
CA THR A 133 0.96 2.75 16.80
C THR A 133 -0.09 3.21 15.80
N LEU A 134 0.29 3.33 14.53
CA LEU A 134 -0.62 3.71 13.45
C LEU A 134 -0.84 2.50 12.55
N ILE A 135 -2.08 2.07 12.46
CA ILE A 135 -2.46 0.98 11.60
C ILE A 135 -2.64 1.49 10.19
N HIS A 136 -2.03 0.82 9.22
CA HIS A 136 -2.27 1.22 7.83
C HIS A 136 -3.54 0.55 7.30
N GLY A 137 -3.57 -0.78 7.34
CA GLY A 137 -4.74 -1.56 7.07
C GLY A 137 -4.96 -1.96 5.62
N ASN A 138 -4.11 -1.51 4.68
CA ASN A 138 -4.23 -1.99 3.32
C ASN A 138 -2.84 -2.04 2.71
N VAL A 139 -1.97 -2.81 3.36
CA VAL A 139 -0.63 -3.09 2.80
C VAL A 139 -0.78 -4.13 1.71
N CYS A 140 -0.34 -3.81 0.51
CA CYS A 140 -0.38 -4.66 -0.66
C CYS A 140 0.56 -4.11 -1.72
N ALA A 141 0.89 -4.91 -2.71
CA ALA A 141 1.90 -4.45 -3.69
C ALA A 141 1.37 -3.29 -4.54
N LYS A 142 0.06 -3.17 -4.77
CA LYS A 142 -0.49 -2.03 -5.51
C LYS A 142 -0.25 -0.74 -4.75
N ASN A 143 -0.08 -0.81 -3.42
CA ASN A 143 0.15 0.34 -2.57
C ASN A 143 1.63 0.55 -2.27
N ILE A 144 2.53 -0.15 -2.95
CA ILE A 144 3.97 0.11 -2.90
CA ILE A 144 3.96 0.12 -2.89
C ILE A 144 4.29 0.86 -4.19
N LEU A 145 4.87 2.05 -4.07
CA LEU A 145 5.13 2.91 -5.21
C LEU A 145 6.64 3.04 -5.47
N LEU A 146 7.05 2.80 -6.72
CA LEU A 146 8.49 2.80 -7.07
C LEU A 146 8.92 4.18 -7.50
N ILE A 147 9.70 4.83 -6.62
CA ILE A 147 10.23 6.18 -6.88
C ILE A 147 11.32 6.13 -7.92
N ARG A 148 12.22 5.17 -7.78
CA ARG A 148 13.33 5.06 -8.71
CA ARG A 148 13.33 5.06 -8.70
C ARG A 148 13.72 3.61 -8.86
N GLU A 149 14.16 3.29 -10.06
CA GLU A 149 14.71 1.98 -10.37
C GLU A 149 16.12 1.83 -9.81
N GLU A 150 16.54 0.58 -9.70
CA GLU A 150 17.95 0.33 -9.35
C GLU A 150 18.87 1.00 -10.38
N ASP A 151 20.05 1.40 -9.94
CA ASP A 151 21.08 1.90 -10.85
C ASP A 151 22.33 1.05 -10.64
N ARG A 152 22.62 0.18 -11.62
CA ARG A 152 23.70 -0.80 -11.44
C ARG A 152 25.07 -0.14 -11.40
N LYS A 153 25.24 1.00 -12.04
CA LYS A 153 26.53 1.67 -12.04
C LYS A 153 26.90 2.22 -10.67
N THR A 154 25.95 2.87 -9.99
CA THR A 154 26.23 3.39 -8.64
C THR A 154 25.99 2.37 -7.52
N GLY A 155 25.32 1.27 -7.80
CA GLY A 155 24.99 0.36 -6.74
C GLY A 155 23.72 0.75 -5.98
N ASN A 156 23.08 1.80 -6.38
CA ASN A 156 21.86 2.29 -5.69
C ASN A 156 20.70 1.33 -5.91
N PRO A 157 19.98 0.95 -4.85
CA PRO A 157 18.88 0.06 -5.02
C PRO A 157 17.65 0.78 -5.52
N PRO A 158 16.64 0.00 -5.91
CA PRO A 158 15.31 0.58 -6.12
C PRO A 158 14.95 1.38 -4.83
N PHE A 159 13.99 2.31 -4.91
CA PHE A 159 13.52 3.02 -3.69
C PHE A 159 12.00 3.11 -3.79
N ILE A 160 11.31 2.73 -2.70
CA ILE A 160 9.85 2.66 -2.67
C ILE A 160 9.28 3.61 -1.59
N LYS A 161 7.98 3.87 -1.73
CA LYS A 161 7.14 4.44 -0.70
C LYS A 161 5.86 3.62 -0.59
N LEU A 162 5.32 3.64 0.62
CA LEU A 162 4.00 3.10 0.94
C LEU A 162 2.96 4.20 0.74
N SER A 163 1.92 3.85 0.01
CA SER A 163 0.85 4.78 -0.33
C SER A 163 -0.18 4.95 0.78
N ASP A 164 -1.15 5.83 0.52
CA ASP A 164 -2.11 6.15 1.54
C ASP A 164 -3.02 4.96 1.84
N PRO A 165 -3.65 4.97 3.04
CA PRO A 165 -4.32 3.76 3.47
C PRO A 165 -5.67 3.48 2.80
N GLY A 166 -6.34 4.50 2.26
CA GLY A 166 -7.66 4.31 1.68
C GLY A 166 -8.75 4.18 2.75
N ILE A 167 -9.95 3.80 2.25
CA ILE A 167 -11.10 3.62 3.16
C ILE A 167 -10.79 2.43 4.09
N SER A 168 -11.08 2.60 5.36
CA SER A 168 -10.83 1.55 6.35
C SER A 168 -11.66 0.29 6.16
N ILE A 169 -11.06 -0.87 6.41
CA ILE A 169 -11.86 -2.08 6.32
C ILE A 169 -12.93 -2.14 7.42
N THR A 170 -12.86 -1.26 8.40
CA THR A 170 -13.96 -1.18 9.36
C THR A 170 -15.22 -0.53 8.81
N VAL A 171 -15.14 0.12 7.65
CA VAL A 171 -16.33 0.73 7.05
C VAL A 171 -16.70 0.10 5.71
N LEU A 172 -15.82 -0.65 5.08
CA LEU A 172 -16.07 -1.23 3.80
C LEU A 172 -17.09 -2.37 3.87
N PRO A 173 -17.76 -2.64 2.76
CA PRO A 173 -18.72 -3.77 2.72
C PRO A 173 -18.02 -5.11 2.91
N LYS A 174 -18.71 -6.02 3.58
CA LYS A 174 -18.12 -7.35 3.86
C LYS A 174 -17.68 -8.04 2.58
N ASP A 175 -18.45 -7.90 1.49
CA ASP A 175 -18.09 -8.57 0.26
C ASP A 175 -16.75 -8.03 -0.30
N ILE A 176 -16.43 -6.77 -0.02
CA ILE A 176 -15.15 -6.22 -0.47
C ILE A 176 -14.02 -6.84 0.36
N LEU A 177 -14.21 -6.92 1.68
CA LEU A 177 -13.20 -7.60 2.51
C LEU A 177 -12.95 -9.01 2.04
N GLN A 178 -13.97 -9.77 1.67
CA GLN A 178 -13.73 -11.14 1.25
C GLN A 178 -12.95 -11.17 -0.06
N GLU A 179 -13.28 -10.27 -1.01
CA GLU A 179 -12.54 -10.17 -2.26
C GLU A 179 -11.06 -9.90 -1.98
N ARG A 180 -10.82 -9.13 -0.94
CA ARG A 180 -9.46 -8.81 -0.52
C ARG A 180 -8.78 -9.90 0.31
N ILE A 181 -9.37 -11.06 0.54
CA ILE A 181 -8.58 -12.20 1.02
C ILE A 181 -7.56 -12.53 -0.07
N PRO A 182 -6.28 -12.84 0.25
CA PRO A 182 -5.65 -13.06 1.58
C PRO A 182 -4.84 -11.84 2.07
N TRP A 183 -5.16 -10.63 1.67
CA TRP A 183 -4.56 -9.44 2.30
C TRP A 183 -5.23 -9.09 3.62
N VAL A 184 -6.58 -9.11 3.66
CA VAL A 184 -7.32 -8.94 4.90
C VAL A 184 -7.15 -10.20 5.72
N PRO A 185 -6.72 -10.07 6.96
CA PRO A 185 -6.41 -11.29 7.76
C PRO A 185 -7.65 -12.00 8.27
N PRO A 186 -7.49 -13.24 8.66
CA PRO A 186 -8.67 -14.04 9.07
C PRO A 186 -9.44 -13.41 10.18
N GLU A 187 -8.81 -12.78 11.17
CA GLU A 187 -9.56 -12.22 12.28
C GLU A 187 -10.46 -11.07 11.83
N CYS A 188 -10.08 -10.35 10.76
CA CYS A 188 -10.90 -9.27 10.27
C CYS A 188 -12.04 -9.77 9.39
N ILE A 189 -11.88 -10.90 8.76
CA ILE A 189 -13.01 -11.56 8.08
C ILE A 189 -14.04 -11.98 9.13
N GLU A 190 -13.57 -12.47 10.26
CA GLU A 190 -14.48 -12.84 11.37
C GLU A 190 -15.17 -11.63 11.95
N ASN A 191 -14.48 -10.54 12.14
CA ASN A 191 -15.01 -9.29 12.68
C ASN A 191 -14.11 -8.12 12.33
N PRO A 192 -14.57 -7.19 11.49
CA PRO A 192 -13.70 -6.06 11.14
C PRO A 192 -13.22 -5.26 12.30
N LYS A 193 -13.86 -5.31 13.46
CA LYS A 193 -13.41 -4.62 14.65
C LYS A 193 -12.09 -5.19 15.21
N ASN A 194 -11.68 -6.36 14.75
CA ASN A 194 -10.39 -6.96 15.10
C ASN A 194 -9.23 -6.26 14.39
N LEU A 195 -9.49 -5.23 13.60
CA LEU A 195 -8.36 -4.46 13.04
C LEU A 195 -7.40 -4.04 14.15
N ASN A 196 -6.10 -4.24 13.90
CA ASN A 196 -5.08 -4.11 14.95
C ASN A 196 -3.76 -3.93 14.22
N LEU A 197 -2.74 -3.52 14.97
CA LEU A 197 -1.39 -3.51 14.35
C LEU A 197 -1.03 -4.86 13.76
N ALA A 198 -1.51 -5.94 14.38
CA ALA A 198 -1.23 -7.25 13.88
C ALA A 198 -1.75 -7.45 12.48
N THR A 199 -2.81 -6.71 12.08
CA THR A 199 -3.33 -6.81 10.72
C THR A 199 -2.24 -6.56 9.68
N ASP A 200 -1.42 -5.53 9.94
CA ASP A 200 -0.45 -5.14 8.95
C ASP A 200 0.68 -6.16 8.81
N LYS A 201 0.96 -6.92 9.89
CA LYS A 201 1.97 -8.00 9.76
C LYS A 201 1.50 -9.07 8.80
N TRP A 202 0.26 -9.49 8.93
CA TRP A 202 -0.32 -10.47 8.00
C TRP A 202 -0.22 -9.94 6.57
N SER A 203 -0.75 -8.72 6.35
CA SER A 203 -0.79 -8.20 4.99
C SER A 203 0.59 -7.97 4.43
N PHE A 204 1.55 -7.68 5.29
CA PHE A 204 2.92 -7.60 4.85
C PHE A 204 3.39 -8.92 4.28
N GLY A 205 3.03 -10.03 4.94
CA GLY A 205 3.32 -11.35 4.38
C GLY A 205 2.74 -11.57 3.00
N THR A 206 1.46 -11.16 2.83
CA THR A 206 0.83 -11.31 1.52
C THR A 206 1.54 -10.47 0.48
N THR A 207 1.98 -9.29 0.88
CA THR A 207 2.70 -8.41 -0.05
C THR A 207 4.07 -8.93 -0.42
N LEU A 208 4.78 -9.54 0.53
CA LEU A 208 6.02 -10.21 0.16
C LEU A 208 5.74 -11.36 -0.83
N TRP A 209 4.64 -12.10 -0.65
CA TRP A 209 4.29 -13.13 -1.63
C TRP A 209 4.12 -12.52 -3.02
N GLU A 210 3.44 -11.40 -3.10
CA GLU A 210 3.29 -10.70 -4.39
C GLU A 210 4.63 -10.34 -5.01
N ILE A 211 5.52 -9.78 -4.21
CA ILE A 211 6.82 -9.36 -4.67
C ILE A 211 7.61 -10.54 -5.17
N CYS A 212 7.55 -11.64 -4.43
CA CYS A 212 8.35 -12.80 -4.80
C CYS A 212 7.76 -13.49 -6.00
N SER A 213 6.50 -13.23 -6.31
CA SER A 213 5.80 -13.88 -7.41
CA SER A 213 5.78 -13.87 -7.40
C SER A 213 5.71 -13.00 -8.65
N GLY A 214 6.52 -11.95 -8.71
CA GLY A 214 6.48 -11.08 -9.87
C GLY A 214 5.17 -10.37 -10.15
N GLY A 215 4.43 -10.05 -9.11
CA GLY A 215 3.18 -9.34 -9.29
C GLY A 215 1.97 -10.17 -9.59
N ASP A 216 2.05 -11.50 -9.46
CA ASP A 216 0.85 -12.32 -9.44
C ASP A 216 0.02 -12.00 -8.21
N LYS A 217 -1.27 -12.33 -8.26
CA LYS A 217 -2.17 -12.13 -7.14
C LYS A 217 -2.45 -13.49 -6.53
N PRO A 218 -2.18 -13.66 -5.24
CA PRO A 218 -2.47 -14.96 -4.62
C PRO A 218 -3.96 -15.24 -4.60
N LEU A 219 -4.27 -16.54 -4.83
CA LEU A 219 -5.63 -17.06 -4.77
C LEU A 219 -6.53 -16.42 -5.84
N SER A 220 -5.91 -15.94 -6.93
CA SER A 220 -6.68 -15.27 -7.97
C SER A 220 -7.72 -16.21 -8.58
N ALA A 221 -7.40 -17.50 -8.63
CA ALA A 221 -8.30 -18.53 -9.19
C ALA A 221 -9.48 -18.86 -8.28
N LEU A 222 -9.46 -18.38 -7.02
CA LEU A 222 -10.50 -18.68 -6.05
C LEU A 222 -11.50 -17.53 -6.04
N ASP A 223 -12.79 -17.88 -6.09
CA ASP A 223 -13.83 -16.89 -5.83
C ASP A 223 -13.93 -16.68 -4.33
N SER A 224 -14.79 -15.75 -3.92
CA SER A 224 -14.88 -15.40 -2.51
C SER A 224 -15.16 -16.62 -1.63
N GLN A 225 -16.10 -17.48 -2.04
CA GLN A 225 -16.49 -18.57 -1.18
C GLN A 225 -15.34 -19.52 -0.97
N ARG A 226 -14.52 -19.73 -2.00
CA ARG A 226 -13.38 -20.62 -1.81
C ARG A 226 -12.30 -19.91 -1.01
N LYS A 227 -12.25 -18.59 -1.08
CA LYS A 227 -11.33 -17.83 -0.25
C LYS A 227 -11.69 -17.96 1.23
N LEU A 228 -12.98 -17.99 1.57
CA LEU A 228 -13.38 -18.30 2.94
C LEU A 228 -12.99 -19.71 3.33
N GLN A 229 -13.15 -20.66 2.42
CA GLN A 229 -12.75 -22.04 2.73
C GLN A 229 -11.25 -22.13 2.92
N PHE A 230 -10.49 -21.34 2.17
CA PHE A 230 -9.06 -21.29 2.35
C PHE A 230 -8.75 -21.01 3.83
N TYR A 231 -9.47 -20.06 4.42
CA TYR A 231 -9.21 -19.64 5.79
C TYR A 231 -9.82 -20.65 6.77
N GLU A 232 -11.03 -21.15 6.49
CA GLU A 232 -11.64 -22.21 7.31
C GLU A 232 -10.68 -23.37 7.48
N ASP A 233 -10.15 -23.89 6.38
CA ASP A 233 -9.19 -24.99 6.44
C ASP A 233 -7.80 -24.54 6.82
N ARG A 234 -7.62 -23.24 7.08
CA ARG A 234 -6.39 -22.69 7.63
C ARG A 234 -5.20 -23.00 6.74
N HIS A 235 -5.38 -22.83 5.42
CA HIS A 235 -4.29 -23.12 4.52
C HIS A 235 -3.28 -21.96 4.50
N GLN A 236 -2.09 -22.26 4.03
CA GLN A 236 -1.08 -21.23 3.84
C GLN A 236 -0.85 -21.06 2.34
N LEU A 237 -0.37 -19.89 1.96
CA LEU A 237 -0.10 -19.67 0.55
C LEU A 237 0.99 -20.60 0.05
N PRO A 238 0.98 -20.96 -1.22
CA PRO A 238 2.09 -21.72 -1.77
C PRO A 238 3.36 -20.92 -1.72
N ALA A 239 4.49 -21.59 -1.59
CA ALA A 239 5.75 -20.89 -1.67
C ALA A 239 5.88 -20.23 -3.05
N PRO A 240 6.37 -19.00 -3.14
CA PRO A 240 6.68 -18.42 -4.46
C PRO A 240 7.87 -19.12 -5.10
N LYS A 241 7.96 -19.02 -6.43
CA LYS A 241 9.12 -19.58 -7.13
C LYS A 241 10.41 -18.98 -6.59
N ALA A 242 10.43 -17.66 -6.35
CA ALA A 242 11.46 -17.03 -5.52
C ALA A 242 11.14 -17.40 -4.07
N ALA A 243 11.47 -18.65 -3.72
CA ALA A 243 11.07 -19.21 -2.44
C ALA A 243 11.90 -18.73 -1.28
N GLU A 244 12.86 -17.84 -1.50
CA GLU A 244 13.76 -17.45 -0.42
C GLU A 244 13.01 -16.78 0.72
N LEU A 245 11.88 -16.15 0.41
CA LEU A 245 11.11 -15.48 1.45
C LEU A 245 9.91 -16.31 1.96
N ALA A 246 9.76 -17.56 1.51
CA ALA A 246 8.60 -18.36 1.91
C ALA A 246 8.46 -18.49 3.45
N ASN A 247 9.55 -18.75 4.13
CA ASN A 247 9.49 -18.90 5.59
C ASN A 247 8.97 -17.59 6.23
N LEU A 248 9.54 -16.44 5.81
CA LEU A 248 9.09 -15.16 6.37
C LEU A 248 7.63 -14.88 6.08
N ILE A 249 7.20 -15.16 4.86
CA ILE A 249 5.79 -15.02 4.50
C ILE A 249 4.94 -15.82 5.47
N ASN A 250 5.27 -17.12 5.63
CA ASN A 250 4.50 -17.99 6.53
CA ASN A 250 4.46 -17.95 6.52
C ASN A 250 4.52 -17.50 7.97
N ASN A 251 5.67 -17.02 8.45
CA ASN A 251 5.77 -16.52 9.81
C ASN A 251 4.93 -15.26 10.04
N CYS A 252 4.84 -14.39 9.04
CA CYS A 252 3.99 -13.22 9.16
C CYS A 252 2.51 -13.52 8.98
N MET A 253 2.16 -14.47 8.10
CA MET A 253 0.77 -14.91 7.90
C MET A 253 0.40 -16.00 8.90
N ASP A 254 0.54 -15.65 10.16
CA ASP A 254 0.20 -16.51 11.27
C ASP A 254 -1.26 -16.32 11.62
N TYR A 255 -2.00 -17.43 11.64
CA TYR A 255 -3.41 -17.30 12.02
C TYR A 255 -3.66 -16.76 13.43
N GLU A 256 -2.66 -16.83 14.33
CA GLU A 256 -2.77 -16.24 15.65
CA GLU A 256 -2.76 -16.24 15.66
C GLU A 256 -2.18 -14.85 15.60
N PRO A 257 -2.98 -13.80 15.66
CA PRO A 257 -2.43 -12.44 15.51
C PRO A 257 -1.33 -12.11 16.47
N ASP A 258 -1.43 -12.56 17.73
CA ASP A 258 -0.39 -12.21 18.68
C ASP A 258 0.94 -12.90 18.46
N HIS A 259 1.01 -13.87 17.56
CA HIS A 259 2.25 -14.55 17.26
C HIS A 259 3.02 -13.94 16.11
N ARG A 260 2.43 -13.00 15.40
CA ARG A 260 3.10 -12.37 14.27
C ARG A 260 4.25 -11.52 14.79
N PRO A 261 5.42 -11.64 14.19
CA PRO A 261 6.60 -10.97 14.73
C PRO A 261 6.58 -9.49 14.54
N SER A 262 7.30 -8.77 15.42
CA SER A 262 7.49 -7.34 15.23
C SER A 262 8.20 -7.00 13.94
N PHE A 263 7.99 -5.76 13.45
CA PHE A 263 8.74 -5.39 12.26
C PHE A 263 10.22 -5.27 12.55
N ARG A 264 10.63 -4.92 13.75
CA ARG A 264 12.06 -4.96 14.13
C ARG A 264 12.63 -6.36 13.94
N ALA A 265 11.88 -7.36 14.40
CA ALA A 265 12.30 -8.75 14.16
C ALA A 265 12.31 -9.14 12.69
N ILE A 266 11.32 -8.66 11.93
CA ILE A 266 11.27 -8.92 10.49
C ILE A 266 12.48 -8.33 9.77
N ILE A 267 12.89 -7.12 10.17
CA ILE A 267 14.03 -6.48 9.55
C ILE A 267 15.29 -7.31 9.83
N ARG A 268 15.44 -7.78 11.06
CA ARG A 268 16.61 -8.62 11.39
C ARG A 268 16.61 -9.89 10.57
N ASP A 269 15.43 -10.48 10.39
CA ASP A 269 15.32 -11.67 9.58
C ASP A 269 15.70 -11.40 8.14
N LEU A 270 15.23 -10.29 7.57
CA LEU A 270 15.57 -9.97 6.20
C LEU A 270 17.07 -9.75 6.04
N ASN A 271 17.67 -9.08 7.00
CA ASN A 271 19.11 -8.79 6.94
C ASN A 271 19.88 -10.11 6.91
N SER A 272 19.39 -11.12 7.62
CA SER A 272 20.11 -12.41 7.73
C SER A 272 20.02 -13.28 6.47
N LEU A 273 19.20 -12.92 5.50
CA LEU A 273 19.12 -13.57 4.20
C LEU A 273 20.09 -12.97 3.18
N PHE A 274 20.98 -12.06 3.59
CA PHE A 274 21.84 -11.34 2.63
C PHE A 274 22.90 -12.29 2.03
C1 GOL B . 11.49 15.96 6.66
O1 GOL B . 10.56 16.08 5.53
C2 GOL B . 10.80 15.09 7.69
O2 GOL B . 10.46 13.84 7.20
C3 GOL B . 11.85 14.90 8.82
O3 GOL B . 11.15 14.47 10.01
H31 GOL B . 12.34 15.72 8.93
H32 GOL B . 12.51 14.25 8.52
HO3 GOL B . 11.73 14.31 10.59
C1 GOL C . 6.40 12.41 3.43
O1 GOL C . 6.06 11.25 4.22
C2 GOL C . 7.95 12.41 3.10
O2 GOL C . 8.33 11.44 2.07
C3 GOL C . 8.32 13.86 2.84
O3 GOL C . 7.93 14.23 1.56
H31 GOL C . 9.29 13.95 2.98
H32 GOL C . 7.92 14.40 3.54
HO3 GOL C . 8.44 13.82 1.02
C1 GOL D . -5.96 -6.16 -1.37
O1 GOL D . -6.19 -4.95 -0.78
C2 GOL D . -6.01 -6.06 -2.95
O2 GOL D . -6.89 -5.05 -3.42
C3 GOL D . -4.59 -5.89 -3.41
O3 GOL D . -4.55 -5.97 -4.83
H31 GOL D . -4.05 -6.57 -2.97
H32 GOL D . -4.26 -5.05 -3.07
HO3 GOL D . -5.30 -5.66 -5.11
C1 GOL E . 16.61 2.39 7.52
O1 GOL E . 15.75 2.99 6.48
C2 GOL E . 17.54 3.62 7.94
O2 GOL E . 18.59 3.76 7.01
C3 GOL E . 17.99 3.43 9.40
O3 GOL E . 18.60 4.64 9.81
H31 GOL E . 18.58 2.66 9.43
H32 GOL E . 17.21 3.18 9.93
HO3 GOL E . 18.14 4.92 10.48
C1 GOL F . 9.33 13.93 -1.59
O1 GOL F . 9.38 13.02 -0.54
C2 GOL F . 9.35 13.22 -3.00
O2 GOL F . 8.94 11.91 -3.02
C3 GOL F . 8.51 14.12 -3.91
O3 GOL F . 9.40 14.94 -4.64
H31 GOL F . 7.89 14.63 -3.37
H32 GOL F . 7.95 13.57 -4.47
HO3 GOL F . 8.91 15.41 -5.16
C1 GOL G . 15.90 10.21 0.17
O1 GOL G . 14.63 9.79 0.69
C2 GOL G . 15.98 10.14 -1.40
O2 GOL G . 16.79 9.11 -1.85
C3 GOL G . 14.55 9.98 -1.92
O3 GOL G . 14.64 9.82 -3.32
H31 GOL G . 14.03 10.76 -1.67
H32 GOL G . 14.13 9.23 -1.47
HO3 GOL G . 13.90 10.08 -3.64
C1 GOL H . 0.00 7.29 -17.08
O1 GOL H . -0.27 6.05 -17.67
C2 GOL H . 1.15 7.89 -17.86
O2 GOL H . 1.05 9.27 -17.95
C3 GOL H . 2.41 7.46 -17.13
O3 GOL H . 2.83 8.56 -16.44
H31 GOL H . 3.06 7.12 -17.76
H32 GOL H . 2.20 6.70 -16.56
HO3 GOL H . 3.56 8.33 -16.03
N12 Q8N I . 0.25 6.36 -7.02
C13 Q8N I . 1.09 7.45 -7.28
C20 Q8N I . -5.55 2.70 -9.01
C21 Q8N I . -4.95 2.95 -10.24
C01 Q8N I . 3.95 4.73 -14.60
C02 Q8N I . 2.78 5.23 -13.81
C03 Q8N I . 3.01 5.89 -12.58
C04 Q8N I . 1.95 6.32 -11.80
C05 Q8N I . 0.59 6.09 -12.25
C06 Q8N I . 0.42 5.43 -13.46
C07 Q8N I . 1.50 4.99 -14.21
C09 Q8N I . 1.49 6.79 -9.38
C11 Q8N I . 0.15 5.53 -8.08
C16 Q8N I . -0.87 4.45 -7.85
C18 Q8N I . -3.92 4.08 -8.55
C23 Q8N I . -3.01 4.39 -10.97
N08 Q8N I . 2.12 7.01 -10.57
N10 Q8N I . 0.74 5.68 -9.28
N14 Q8N I . 1.73 7.70 -8.43
N15 Q8N I . 1.21 8.31 -6.28
N19 Q8N I . -4.92 3.39 -7.97
N22 Q8N I . -3.92 3.89 -9.95
S17 Q8N I . -2.85 5.27 -7.88
H201 Q8N I . -6.40 2.05 -8.85
H211 Q8N I . -5.16 2.56 -11.22
H012 Q8N I . 4.77 5.46 -14.72
H013 Q8N I . 3.74 4.43 -15.63
H011 Q8N I . 4.46 3.86 -14.19
H031 Q8N I . 4.04 6.05 -12.26
H051 Q8N I . -0.29 6.42 -11.68
H061 Q8N I . -0.58 5.25 -13.85
H071 Q8N I . 1.31 4.45 -15.14
H161 Q8N I . -0.71 3.94 -6.87
H162 Q8N I . -0.80 3.66 -8.61
H233 Q8N I . -1.96 4.25 -10.66
H232 Q8N I . -3.18 5.47 -11.15
H231 Q8N I . -3.16 3.85 -11.92
H081 Q8N I . 2.80 7.75 -10.54
H151 Q8N I . 0.69 8.20 -5.44
H152 Q8N I . 1.82 9.10 -6.37
#